data_4JWH
#
_entry.id   4JWH
#
_cell.length_a   57.825
_cell.length_b   45.653
_cell.length_c   66.412
_cell.angle_alpha   90.00
_cell.angle_beta   100.18
_cell.angle_gamma   90.00
#
_symmetry.space_group_name_H-M   'P 1 21 1'
#
loop_
_entity.id
_entity.type
_entity.pdbx_description
1 polymer 'tRNA (guanine(9)-N1)-methyltransferase'
2 non-polymer S-ADENOSYL-L-HOMOCYSTEINE
3 water water
#
_entity_poly.entity_id   1
_entity_poly.type   'polypeptide(L)'
_entity_poly.pdbx_seq_one_letter_code
;MGHHHHHHMMENKDALDIGKDDTNTSEADVSKNETQEQPVLSKSALKRLKRQQEWDAGREKRAEMRREKKRLRKEERKRK
IEAGEVVKSQKKRIRLGKVVPSSIRIVLDCAFDDLMNDKEINSLCQQVTRCHSANRTALHPVELFATNFGGRLKTRQDFV
LKGQQNNWKRYNPTTKSYLEEFESQKEKLVYLSADSDNTITELDEDKIYIIGAIVDKNRYKNLCQNKASEQGIKTAKLPI
DEYIKITDRKILTVNQVFEILSLWLEYRDWEKAFMEVIPKRKGILLKSDESFDVSEDTRSQSNQSDSELEKEN
;
_entity_poly.pdbx_strand_id   A,B
#
# COMPACT_ATOMS: atom_id res chain seq x y z
N ARG A 93 10.95 33.93 5.64
CA ARG A 93 12.17 33.29 6.21
C ARG A 93 13.40 33.76 5.46
N ILE A 94 14.39 34.20 6.22
CA ILE A 94 15.62 34.65 5.61
C ILE A 94 16.73 33.66 5.94
N ARG A 95 17.57 33.36 4.96
CA ARG A 95 18.69 32.45 5.14
C ARG A 95 19.99 33.22 5.30
N LEU A 96 20.74 32.92 6.36
CA LEU A 96 22.02 33.59 6.66
C LEU A 96 23.18 32.64 6.49
N GLY A 97 24.22 33.10 5.81
CA GLY A 97 25.49 32.38 5.85
C GLY A 97 25.75 31.45 4.70
N LYS A 98 26.78 30.63 4.84
CA LYS A 98 27.35 29.93 3.69
C LYS A 98 26.61 28.61 3.44
N VAL A 99 26.28 28.34 2.17
CA VAL A 99 25.60 27.11 1.82
C VAL A 99 26.61 25.94 1.88
N VAL A 100 26.34 24.97 2.75
CA VAL A 100 27.16 23.78 2.89
C VAL A 100 26.29 22.50 2.80
N PRO A 101 26.36 21.78 1.67
CA PRO A 101 25.60 20.55 1.51
C PRO A 101 25.82 19.60 2.68
N SER A 102 24.75 18.90 3.05
CA SER A 102 24.80 17.86 4.07
C SER A 102 25.03 16.54 3.35
N SER A 103 25.68 15.58 3.98
CA SER A 103 25.79 14.26 3.40
C SER A 103 24.49 13.42 3.60
N ILE A 104 23.53 13.92 4.38
CA ILE A 104 22.27 13.18 4.59
C ILE A 104 21.54 12.86 3.28
N ARG A 105 20.98 11.64 3.19
CA ARG A 105 20.01 11.28 2.17
C ARG A 105 18.63 11.38 2.79
N ILE A 106 17.69 12.01 2.09
CA ILE A 106 16.28 11.92 2.48
C ILE A 106 15.50 11.23 1.38
N VAL A 107 14.74 10.21 1.75
CA VAL A 107 14.00 9.40 0.78
C VAL A 107 12.50 9.66 0.84
N LEU A 108 11.92 10.04 -0.30
CA LEU A 108 10.47 9.96 -0.43
C LEU A 108 10.10 8.55 -0.91
N ASP A 109 9.43 7.80 -0.03
CA ASP A 109 9.04 6.43 -0.31
C ASP A 109 7.73 6.50 -1.09
N CYS A 110 7.84 6.34 -2.41
CA CYS A 110 6.68 6.51 -3.27
C CYS A 110 6.02 5.19 -3.64
N ALA A 111 5.93 4.26 -2.69
CA ALA A 111 5.34 2.95 -2.91
C ALA A 111 3.83 2.84 -2.76
N PHE A 112 3.13 3.97 -2.57
CA PHE A 112 1.70 3.89 -2.14
C PHE A 112 0.68 4.43 -3.16
N ASP A 113 1.12 4.56 -4.41
CA ASP A 113 0.28 5.01 -5.54
C ASP A 113 -1.14 4.39 -5.49
N ASP A 114 -1.21 3.07 -5.28
CA ASP A 114 -2.50 2.37 -5.27
C ASP A 114 -3.43 2.74 -4.09
N LEU A 115 -2.90 3.40 -3.07
CA LEU A 115 -3.74 3.78 -1.91
C LEU A 115 -4.40 5.15 -2.04
N MET A 116 -4.04 5.89 -3.08
CA MET A 116 -4.52 7.26 -3.23
C MET A 116 -5.49 7.48 -4.41
N ASN A 117 -6.53 8.29 -4.22
CA ASN A 117 -7.35 8.73 -5.36
C ASN A 117 -6.64 9.83 -6.15
N ASP A 118 -7.32 10.37 -7.15
CA ASP A 118 -6.71 11.32 -8.09
C ASP A 118 -6.33 12.65 -7.49
N LYS A 119 -7.16 13.15 -6.57
CA LYS A 119 -6.88 14.43 -5.91
C LYS A 119 -5.65 14.31 -5.01
N GLU A 120 -5.58 13.19 -4.29
CA GLU A 120 -4.47 12.90 -3.37
C GLU A 120 -3.12 12.79 -4.10
N ILE A 121 -3.10 12.11 -5.24
CA ILE A 121 -1.93 12.07 -6.13
C ILE A 121 -1.52 13.46 -6.60
N ASN A 122 -2.50 14.24 -7.05
CA ASN A 122 -2.25 15.62 -7.44
C ASN A 122 -1.60 16.42 -6.31
N SER A 123 -2.18 16.32 -5.11
CA SER A 123 -1.58 16.97 -3.94
C SER A 123 -0.14 16.47 -3.64
N LEU A 124 0.07 15.16 -3.65
CA LEU A 124 1.41 14.58 -3.43
C LEU A 124 2.41 15.14 -4.44
N CYS A 125 2.00 15.26 -5.68
CA CYS A 125 2.91 15.75 -6.69
C CYS A 125 3.39 17.20 -6.40
N GLN A 126 2.45 18.06 -5.97
CA GLN A 126 2.77 19.42 -5.50
C GLN A 126 3.74 19.34 -4.31
N GLN A 127 3.49 18.40 -3.42
CA GLN A 127 4.34 18.25 -2.22
C GLN A 127 5.74 17.78 -2.54
N VAL A 128 5.88 16.86 -3.49
CA VAL A 128 7.22 16.43 -3.94
C VAL A 128 7.98 17.59 -4.52
N THR A 129 7.31 18.39 -5.35
CA THR A 129 7.91 19.61 -5.93
C THR A 129 8.34 20.60 -4.83
N ARG A 130 7.51 20.78 -3.81
CA ARG A 130 7.87 21.67 -2.69
CA ARG A 130 7.86 21.65 -2.68
C ARG A 130 9.10 21.16 -1.95
N CYS A 131 9.26 19.83 -1.86
CA CYS A 131 10.47 19.25 -1.19
C CYS A 131 11.73 19.63 -1.99
N HIS A 132 11.67 19.44 -3.31
CA HIS A 132 12.79 19.91 -4.14
C HIS A 132 13.04 21.41 -3.99
N SER A 133 11.98 22.23 -3.98
CA SER A 133 12.21 23.70 -3.94
C SER A 133 12.79 24.11 -2.59
N ALA A 134 12.27 23.54 -1.51
CA ALA A 134 12.79 23.80 -0.16
C ALA A 134 14.25 23.32 -0.04
N ASN A 135 14.56 22.17 -0.64
CA ASN A 135 15.94 21.70 -0.66
C ASN A 135 16.92 22.62 -1.38
N ARG A 136 16.48 23.16 -2.50
CA ARG A 136 17.33 24.02 -3.34
C ARG A 136 17.83 25.29 -2.64
N THR A 137 16.96 25.89 -1.82
CA THR A 137 17.26 27.13 -1.13
C THR A 137 17.82 26.87 0.28
N ALA A 138 17.92 25.60 0.68
CA ALA A 138 18.29 25.26 2.05
C ALA A 138 19.74 25.65 2.34
N LEU A 139 20.04 26.00 3.57
CA LEU A 139 21.42 26.29 3.95
C LEU A 139 22.27 25.01 3.81
N HIS A 140 21.68 23.85 4.07
CA HIS A 140 22.35 22.57 3.89
C HIS A 140 21.54 21.59 3.03
N PRO A 141 21.64 21.71 1.70
CA PRO A 141 20.86 20.80 0.88
C PRO A 141 21.31 19.37 1.11
N VAL A 142 20.36 18.45 1.01
CA VAL A 142 20.67 17.03 1.11
C VAL A 142 20.54 16.41 -0.26
N GLU A 143 20.80 15.10 -0.34
CA GLU A 143 20.42 14.35 -1.53
C GLU A 143 19.01 13.79 -1.34
N LEU A 144 18.11 14.28 -2.18
CA LEU A 144 16.73 13.84 -2.23
C LEU A 144 16.50 12.65 -3.15
N PHE A 145 15.92 11.58 -2.63
CA PHE A 145 15.59 10.40 -3.43
C PHE A 145 14.10 10.28 -3.46
N ALA A 146 13.60 9.80 -4.59
CA ALA A 146 12.20 9.39 -4.70
C ALA A 146 12.17 7.91 -5.17
N THR A 147 11.87 6.99 -4.24
CA THR A 147 11.98 5.56 -4.52
C THR A 147 10.62 4.92 -4.82
N ASN A 148 10.63 3.77 -5.50
CA ASN A 148 9.46 3.23 -6.20
C ASN A 148 8.76 4.32 -7.00
N PHE A 149 9.52 5.25 -7.57
CA PHE A 149 8.90 6.35 -8.34
C PHE A 149 8.37 5.87 -9.70
N GLY A 150 7.07 6.06 -9.93
CA GLY A 150 6.43 5.61 -11.15
C GLY A 150 4.93 5.80 -11.09
N GLY A 151 4.21 5.08 -11.94
CA GLY A 151 2.74 5.09 -11.91
C GLY A 151 2.16 6.50 -12.08
N ARG A 152 1.02 6.73 -11.42
CA ARG A 152 0.22 7.92 -11.61
C ARG A 152 0.90 9.16 -11.05
N LEU A 153 1.74 8.97 -10.03
CA LEU A 153 2.57 10.09 -9.53
C LEU A 153 3.53 10.57 -10.62
N LYS A 154 4.29 9.66 -11.23
CA LYS A 154 5.26 10.03 -12.27
C LYS A 154 4.55 10.67 -13.50
N THR A 155 3.45 10.09 -13.92
CA THR A 155 2.66 10.69 -15.03
C THR A 155 2.22 12.13 -14.66
N ARG A 156 1.52 12.25 -13.54
CA ARG A 156 1.04 13.54 -13.03
C ARG A 156 2.15 14.57 -12.98
N GLN A 157 3.28 14.19 -12.39
CA GLN A 157 4.44 15.06 -12.31
C GLN A 157 4.85 15.63 -13.66
N ASP A 158 5.00 14.75 -14.65
CA ASP A 158 5.41 15.21 -15.98
C ASP A 158 4.31 16.03 -16.68
N PHE A 159 3.05 15.68 -16.42
CA PHE A 159 1.89 16.44 -16.93
C PHE A 159 1.94 17.86 -16.41
N VAL A 160 2.07 17.98 -15.09
CA VAL A 160 2.11 19.28 -14.44
C VAL A 160 3.40 20.02 -14.75
N LEU A 161 4.54 19.37 -14.62
CA LEU A 161 5.80 20.08 -14.74
C LEU A 161 6.32 20.20 -16.17
N LYS A 162 5.73 19.41 -17.07
CA LYS A 162 6.08 19.39 -18.50
C LYS A 162 7.58 19.17 -18.71
N GLY A 163 8.13 18.14 -18.05
CA GLY A 163 9.51 17.74 -18.27
C GLY A 163 10.54 18.51 -17.45
N GLN A 164 10.09 19.54 -16.72
CA GLN A 164 10.97 20.32 -15.87
C GLN A 164 11.64 19.50 -14.75
N GLN A 165 10.97 18.44 -14.31
CA GLN A 165 11.51 17.57 -13.25
C GLN A 165 12.85 16.96 -13.65
N ASN A 166 13.02 16.70 -14.94
CA ASN A 166 14.26 16.16 -15.49
C ASN A 166 15.41 17.14 -15.36
N ASN A 167 15.07 18.39 -15.01
CA ASN A 167 16.07 19.44 -14.83
C ASN A 167 16.49 19.65 -13.37
N TRP A 168 15.67 19.14 -12.43
CA TRP A 168 15.94 19.28 -10.98
C TRP A 168 17.34 18.85 -10.59
N LYS A 169 17.90 19.45 -9.54
CA LYS A 169 19.23 19.11 -9.02
C LYS A 169 19.16 18.42 -7.62
N ARG A 170 20.21 17.70 -7.24
CA ARG A 170 20.27 16.95 -5.96
C ARG A 170 19.00 16.11 -5.78
N TYR A 171 18.55 15.52 -6.88
CA TYR A 171 17.30 14.81 -6.93
C TYR A 171 17.50 13.48 -7.65
N ASN A 172 17.07 12.41 -7.03
CA ASN A 172 17.34 11.08 -7.53
C ASN A 172 16.08 10.19 -7.56
N PRO A 173 15.29 10.27 -8.65
CA PRO A 173 14.17 9.34 -8.74
C PRO A 173 14.63 7.94 -9.18
N THR A 174 13.91 6.92 -8.74
CA THR A 174 14.25 5.55 -9.11
C THR A 174 13.07 4.63 -8.91
N THR A 175 12.94 3.63 -9.77
CA THR A 175 11.91 2.61 -9.61
C THR A 175 12.32 1.69 -8.45
N LYS A 176 13.61 1.63 -8.12
CA LYS A 176 14.05 0.80 -7.00
C LYS A 176 13.36 1.25 -5.72
N SER A 177 13.04 0.28 -4.88
CA SER A 177 12.60 0.55 -3.51
C SER A 177 13.79 1.11 -2.73
N TYR A 178 13.52 1.80 -1.62
CA TYR A 178 14.62 2.29 -0.75
C TYR A 178 15.46 1.13 -0.23
N LEU A 179 14.80 0.01 0.04
CA LEU A 179 15.45 -1.20 0.54
C LEU A 179 16.43 -1.74 -0.51
N GLU A 180 16.03 -1.65 -1.78
CA GLU A 180 16.90 -2.03 -2.88
C GLU A 180 18.03 -1.05 -3.02
N GLU A 181 17.71 0.24 -3.11
CA GLU A 181 18.69 1.27 -3.33
C GLU A 181 19.74 1.39 -2.20
N PHE A 182 19.29 1.15 -0.96
CA PHE A 182 20.15 1.27 0.24
C PHE A 182 20.34 -0.03 1.05
N GLU A 183 20.32 -1.17 0.35
CA GLU A 183 20.51 -2.50 0.99
C GLU A 183 21.75 -2.58 1.89
N SER A 184 22.89 -2.11 1.38
CA SER A 184 24.14 -2.09 2.13
C SER A 184 24.13 -1.13 3.34
N GLN A 185 23.24 -0.15 3.33
CA GLN A 185 23.13 0.81 4.41
C GLN A 185 21.84 0.63 5.19
N LYS A 186 21.27 -0.57 5.13
CA LYS A 186 20.01 -0.88 5.81
C LYS A 186 19.98 -0.43 7.29
N GLU A 187 21.12 -0.56 7.95
CA GLU A 187 21.28 -0.22 9.37
C GLU A 187 21.19 1.30 9.61
N LYS A 188 21.32 2.08 8.53
CA LYS A 188 21.37 3.52 8.63
C LYS A 188 20.02 4.14 8.26
N LEU A 189 19.06 3.32 7.85
CA LEU A 189 17.74 3.78 7.46
C LEU A 189 16.92 4.06 8.71
N VAL A 190 16.18 5.16 8.66
CA VAL A 190 15.19 5.48 9.70
C VAL A 190 13.94 5.92 8.95
N TYR A 191 12.82 5.21 9.17
CA TYR A 191 11.55 5.59 8.60
C TYR A 191 10.81 6.51 9.59
N LEU A 192 10.60 7.75 9.19
CA LEU A 192 9.85 8.72 10.00
C LEU A 192 8.35 8.35 10.01
N SER A 193 7.78 8.22 11.20
CA SER A 193 6.34 7.92 11.35
C SER A 193 5.77 8.58 12.62
N ALA A 194 4.62 9.23 12.50
CA ALA A 194 3.95 9.78 13.69
C ALA A 194 3.59 8.70 14.73
N ASP A 195 3.49 7.46 14.28
CA ASP A 195 3.08 6.30 15.09
C ASP A 195 4.19 5.57 15.83
N SER A 196 5.45 5.98 15.61
CA SER A 196 6.58 5.37 16.28
C SER A 196 6.52 5.61 17.79
N ASP A 197 7.03 4.63 18.55
CA ASP A 197 7.28 4.75 19.98
C ASP A 197 8.54 5.58 20.25
N ASN A 198 9.41 5.69 19.23
CA ASN A 198 10.68 6.39 19.34
C ASN A 198 10.59 7.83 18.83
N THR A 199 11.44 8.71 19.36
CA THR A 199 11.41 10.13 19.01
C THR A 199 12.76 10.56 18.43
N ILE A 200 12.76 11.19 17.26
CA ILE A 200 14.01 11.73 16.71
C ILE A 200 14.37 13.02 17.41
N THR A 201 15.66 13.17 17.73
CA THR A 201 16.15 14.31 18.45
C THR A 201 17.26 15.04 17.71
N GLU A 202 17.90 14.36 16.77
CA GLU A 202 18.93 14.94 15.96
C GLU A 202 19.01 14.18 14.64
N LEU A 203 19.31 14.88 13.55
CA LEU A 203 19.58 14.21 12.29
C LEU A 203 21.05 13.93 12.18
N ASP A 204 21.36 12.65 11.97
CA ASP A 204 22.72 12.12 11.92
C ASP A 204 23.27 12.29 10.49
N GLU A 205 24.46 12.87 10.36
CA GLU A 205 25.06 13.00 9.02
C GLU A 205 25.22 11.69 8.25
N ASP A 206 25.30 10.55 8.95
CA ASP A 206 25.54 9.29 8.22
C ASP A 206 24.24 8.48 7.99
N LYS A 207 23.10 9.08 8.37
CA LYS A 207 21.83 8.36 8.27
C LYS A 207 20.95 8.74 7.07
N ILE A 208 19.92 7.96 6.84
CA ILE A 208 19.12 8.10 5.67
C ILE A 208 17.70 8.10 6.20
N TYR A 209 17.00 9.21 6.02
CA TYR A 209 15.67 9.39 6.65
C TYR A 209 14.61 9.22 5.61
N ILE A 210 13.59 8.41 5.90
CA ILE A 210 12.53 8.13 4.94
C ILE A 210 11.26 8.85 5.32
N ILE A 211 10.63 9.52 4.35
CA ILE A 211 9.28 10.08 4.48
C ILE A 211 8.33 9.26 3.61
N GLY A 212 7.20 8.80 4.18
CA GLY A 212 6.14 8.19 3.36
C GLY A 212 5.52 9.14 2.35
N ALA A 213 5.60 8.82 1.06
CA ALA A 213 5.04 9.74 0.06
C ALA A 213 3.58 9.34 -0.15
N ILE A 214 2.73 9.87 0.73
CA ILE A 214 1.30 9.57 0.68
C ILE A 214 0.47 10.72 1.30
N VAL A 215 -0.63 11.04 0.64
CA VAL A 215 -1.61 11.99 1.10
C VAL A 215 -2.89 11.22 1.43
N ASP A 216 -3.06 10.92 2.71
CA ASP A 216 -4.17 10.06 3.13
C ASP A 216 -5.04 10.69 4.22
N LYS A 217 -4.59 11.82 4.77
CA LYS A 217 -5.27 12.46 5.91
C LYS A 217 -5.14 11.54 7.13
N ASN A 218 -4.08 10.72 7.13
CA ASN A 218 -3.88 9.67 8.10
C ASN A 218 -5.00 8.62 8.27
N ARG A 219 -5.81 8.39 7.24
CA ARG A 219 -6.78 7.28 7.35
C ARG A 219 -6.05 5.94 7.38
N TYR A 220 -4.83 5.88 6.86
CA TYR A 220 -4.04 4.67 6.98
C TYR A 220 -3.12 4.67 8.20
N LYS A 221 -3.72 4.55 9.39
CA LYS A 221 -2.97 4.58 10.64
C LYS A 221 -2.00 3.44 10.65
N ASN A 222 -0.80 3.68 11.16
CA ASN A 222 0.22 2.63 11.27
C ASN A 222 0.78 2.13 9.97
N LEU A 223 0.37 2.72 8.86
CA LEU A 223 0.82 2.20 7.56
C LEU A 223 2.35 2.17 7.50
N CYS A 224 2.96 3.33 7.67
CA CYS A 224 4.42 3.41 7.51
C CYS A 224 5.13 2.70 8.64
N GLN A 225 4.58 2.85 9.84
CA GLN A 225 5.13 2.14 10.98
C GLN A 225 5.16 0.64 10.67
N ASN A 226 4.10 0.11 10.08
CA ASN A 226 4.00 -1.34 9.85
C ASN A 226 4.98 -1.83 8.82
N LYS A 227 5.13 -1.03 7.78
CA LYS A 227 5.98 -1.35 6.67
C LYS A 227 7.44 -1.45 7.13
N ALA A 228 7.89 -0.45 7.88
CA ALA A 228 9.28 -0.39 8.33
C ALA A 228 9.58 -1.48 9.37
N SER A 229 8.64 -1.74 10.29
CA SER A 229 8.80 -2.84 11.26
C SER A 229 8.97 -4.18 10.56
N GLU A 230 8.10 -4.47 9.60
CA GLU A 230 8.21 -5.73 8.85
C GLU A 230 9.56 -5.87 8.18
N GLN A 231 10.15 -4.75 7.75
CA GLN A 231 11.50 -4.80 7.15
C GLN A 231 12.64 -4.86 8.17
N GLY A 232 12.34 -4.66 9.45
CA GLY A 232 13.36 -4.55 10.50
C GLY A 232 14.12 -3.23 10.53
N ILE A 233 13.49 -2.13 10.12
CA ILE A 233 14.12 -0.81 10.08
C ILE A 233 13.57 0.04 11.20
N LYS A 234 14.42 0.90 11.75
CA LYS A 234 14.00 1.73 12.86
C LYS A 234 13.13 2.90 12.42
N THR A 235 12.19 3.27 13.27
CA THR A 235 11.23 4.34 13.02
C THR A 235 11.38 5.36 14.14
N ALA A 236 10.88 6.56 13.91
CA ALA A 236 10.99 7.67 14.84
C ALA A 236 9.97 8.71 14.46
N LYS A 237 9.30 9.29 15.47
CA LYS A 237 8.42 10.43 15.24
C LYS A 237 9.13 11.73 15.57
N LEU A 238 8.66 12.81 14.95
CA LEU A 238 9.17 14.14 15.20
C LEU A 238 8.90 14.54 16.66
N PRO A 239 9.82 15.30 17.28
CA PRO A 239 9.62 15.68 18.70
C PRO A 239 8.60 16.82 18.83
N ILE A 240 7.42 16.60 18.28
CA ILE A 240 6.41 17.63 18.15
C ILE A 240 5.84 17.99 19.52
N ASP A 241 5.35 17.00 20.24
CA ASP A 241 4.96 17.20 21.63
C ASP A 241 6.20 17.74 22.35
N GLU A 242 6.04 18.66 23.29
CA GLU A 242 4.75 19.09 23.81
C GLU A 242 4.38 20.50 23.31
N TYR A 243 4.90 20.87 22.15
CA TYR A 243 4.52 22.14 21.55
C TYR A 243 3.35 21.95 20.56
N ILE A 244 3.02 20.68 20.28
CA ILE A 244 1.91 20.32 19.38
C ILE A 244 0.61 20.01 20.09
N LYS A 245 0.65 19.05 21.01
CA LYS A 245 -0.51 18.73 21.85
C LYS A 245 -1.75 18.35 21.02
N LYS A 250 -0.70 16.80 14.51
CA LYS A 250 0.18 15.67 14.86
C LYS A 250 0.79 15.02 13.60
N ILE A 251 -0.05 14.76 12.59
CA ILE A 251 0.45 14.16 11.36
C ILE A 251 0.59 15.23 10.28
N LEU A 252 1.83 15.48 9.90
CA LEU A 252 2.12 16.58 8.99
C LEU A 252 2.17 16.06 7.55
N THR A 253 2.20 16.98 6.58
CA THR A 253 2.24 16.59 5.19
C THR A 253 3.70 16.21 4.82
N VAL A 254 3.87 15.53 3.69
CA VAL A 254 5.20 15.18 3.19
C VAL A 254 6.12 16.40 3.18
N ASN A 255 5.67 17.50 2.59
CA ASN A 255 6.54 18.67 2.47
C ASN A 255 6.75 19.36 3.80
N GLN A 256 5.76 19.34 4.69
CA GLN A 256 5.98 19.95 6.03
C GLN A 256 7.08 19.22 6.78
N VAL A 257 7.09 17.90 6.70
CA VAL A 257 8.08 17.10 7.41
C VAL A 257 9.44 17.37 6.78
N PHE A 258 9.50 17.34 5.46
CA PHE A 258 10.77 17.65 4.77
C PHE A 258 11.31 19.02 5.19
N GLU A 259 10.46 20.04 5.11
CA GLU A 259 10.84 21.39 5.46
C GLU A 259 11.34 21.49 6.91
N ILE A 260 10.67 20.77 7.82
CA ILE A 260 11.10 20.78 9.21
C ILE A 260 12.51 20.15 9.36
N LEU A 261 12.74 19.01 8.71
CA LEU A 261 14.06 18.35 8.76
C LEU A 261 15.14 19.30 8.25
N SER A 262 14.87 19.93 7.13
CA SER A 262 15.83 20.81 6.47
C SER A 262 16.14 22.01 7.35
N LEU A 263 15.12 22.55 8.00
CA LEU A 263 15.33 23.67 8.91
C LEU A 263 16.08 23.28 10.19
N TRP A 264 15.91 22.04 10.62
CA TRP A 264 16.68 21.57 11.74
C TRP A 264 18.16 21.56 11.39
N LEU A 265 18.51 21.10 10.19
CA LEU A 265 19.91 21.16 9.75
C LEU A 265 20.47 22.58 9.92
N GLU A 266 19.70 23.58 9.50
CA GLU A 266 20.11 24.97 9.63
C GLU A 266 20.20 25.45 11.08
N TYR A 267 19.10 25.28 11.83
CA TYR A 267 19.02 25.90 13.15
C TYR A 267 19.53 24.98 14.26
N ARG A 268 19.42 23.68 14.04
CA ARG A 268 19.65 22.66 15.10
C ARG A 268 18.80 22.84 16.37
N ASP A 269 17.58 23.31 16.15
CA ASP A 269 16.63 23.74 17.18
C ASP A 269 15.27 23.31 16.63
N TRP A 270 14.61 22.35 17.29
CA TRP A 270 13.33 21.90 16.73
C TRP A 270 12.28 22.97 16.86
N GLU A 271 12.34 23.75 17.95
CA GLU A 271 11.28 24.74 18.20
C GLU A 271 11.22 25.78 17.09
N LYS A 272 12.38 26.22 16.61
CA LYS A 272 12.43 27.20 15.55
C LYS A 272 11.87 26.64 14.26
N ALA A 273 12.20 25.38 13.96
CA ALA A 273 11.78 24.72 12.73
C ALA A 273 10.24 24.60 12.75
N PHE A 274 9.69 24.13 13.87
CA PHE A 274 8.24 24.07 14.03
C PHE A 274 7.61 25.48 13.90
N MET A 275 8.21 26.47 14.55
CA MET A 275 7.67 27.84 14.55
C MET A 275 7.58 28.40 13.14
N GLU A 276 8.53 28.01 12.30
CA GLU A 276 8.56 28.46 10.93
C GLU A 276 7.59 27.70 10.03
N VAL A 277 7.45 26.40 10.24
CA VAL A 277 6.65 25.61 9.30
C VAL A 277 5.22 25.49 9.78
N ILE A 278 5.03 25.38 11.07
CA ILE A 278 3.68 25.23 11.62
C ILE A 278 3.47 26.25 12.78
N PRO A 279 3.57 27.56 12.48
CA PRO A 279 3.45 28.48 13.63
C PRO A 279 2.07 28.35 14.30
N LYS A 280 2.03 28.47 15.62
CA LYS A 280 0.78 28.33 16.36
C LYS A 280 -0.22 29.46 16.02
N ARG A 281 0.33 30.65 15.80
CA ARG A 281 -0.20 31.71 14.89
C ARG A 281 -0.23 33.10 15.49
N ARG B 95 -22.79 -32.80 -3.67
CA ARG B 95 -21.86 -32.84 -4.83
C ARG B 95 -22.21 -34.02 -5.74
N LEU B 96 -22.98 -33.76 -6.79
CA LEU B 96 -23.63 -34.84 -7.56
C LEU B 96 -22.83 -35.40 -8.75
N GLY B 97 -21.92 -34.61 -9.32
CA GLY B 97 -21.18 -35.03 -10.51
C GLY B 97 -19.71 -35.31 -10.27
N LYS B 98 -18.98 -35.55 -11.35
CA LYS B 98 -17.52 -35.66 -11.30
C LYS B 98 -16.90 -34.30 -10.99
N VAL B 99 -15.68 -34.31 -10.44
CA VAL B 99 -14.93 -33.08 -10.16
C VAL B 99 -14.34 -32.56 -11.48
N VAL B 100 -14.87 -31.43 -11.95
CA VAL B 100 -14.41 -30.84 -13.22
C VAL B 100 -13.93 -29.41 -12.95
N PRO B 101 -12.61 -29.20 -13.00
CA PRO B 101 -12.06 -27.89 -12.66
C PRO B 101 -12.57 -26.81 -13.58
N SER B 102 -12.66 -25.60 -13.06
CA SER B 102 -13.00 -24.45 -13.88
C SER B 102 -11.77 -23.77 -14.47
N SER B 103 -11.92 -23.14 -15.63
CA SER B 103 -10.83 -22.33 -16.20
C SER B 103 -10.72 -20.93 -15.54
N ILE B 104 -11.71 -20.56 -14.72
CA ILE B 104 -11.72 -19.26 -14.08
C ILE B 104 -10.54 -19.17 -13.11
N ARG B 105 -9.98 -17.98 -13.02
CA ARG B 105 -8.91 -17.73 -12.10
C ARG B 105 -9.38 -16.77 -11.04
N ILE B 106 -9.06 -17.04 -9.79
CA ILE B 106 -9.38 -16.14 -8.69
C ILE B 106 -8.10 -15.70 -8.02
N VAL B 107 -7.97 -14.38 -7.83
CA VAL B 107 -6.74 -13.78 -7.32
C VAL B 107 -7.05 -13.17 -5.99
N LEU B 108 -6.25 -13.52 -4.99
CA LEU B 108 -6.31 -12.82 -3.70
C LEU B 108 -5.23 -11.76 -3.72
N ASP B 109 -5.66 -10.49 -3.72
CA ASP B 109 -4.79 -9.32 -3.81
C ASP B 109 -4.20 -9.05 -2.46
N CYS B 110 -2.95 -9.44 -2.27
CA CYS B 110 -2.41 -9.34 -0.91
C CYS B 110 -1.50 -8.15 -0.73
N ALA B 111 -1.84 -7.03 -1.37
CA ALA B 111 -0.97 -5.88 -1.38
C ALA B 111 -1.16 -4.97 -0.16
N PHE B 112 -1.99 -5.40 0.79
CA PHE B 112 -2.43 -4.55 1.90
C PHE B 112 -1.84 -4.95 3.26
N ASP B 113 -0.73 -5.70 3.25
CA ASP B 113 -0.07 -6.18 4.46
C ASP B 113 0.11 -5.05 5.48
N ASP B 114 0.55 -3.88 5.03
CA ASP B 114 0.88 -2.80 5.95
C ASP B 114 -0.32 -2.09 6.57
N LEU B 115 -1.51 -2.36 6.03
CA LEU B 115 -2.73 -1.71 6.48
C LEU B 115 -3.31 -2.39 7.72
N MET B 116 -2.86 -3.60 8.02
CA MET B 116 -3.47 -4.44 9.06
C MET B 116 -2.69 -4.48 10.38
N ASN B 117 -3.37 -4.75 11.49
CA ASN B 117 -2.69 -5.14 12.73
C ASN B 117 -2.44 -6.64 12.76
N ASP B 118 -1.73 -7.10 13.78
CA ASP B 118 -1.31 -8.50 13.86
C ASP B 118 -2.48 -9.47 14.00
N LYS B 119 -3.53 -9.03 14.70
CA LYS B 119 -4.76 -9.80 14.82
C LYS B 119 -5.42 -9.96 13.45
N GLU B 120 -5.50 -8.86 12.71
CA GLU B 120 -6.10 -8.90 11.38
C GLU B 120 -5.32 -9.81 10.42
N ILE B 121 -3.98 -9.79 10.51
CA ILE B 121 -3.11 -10.64 9.69
C ILE B 121 -3.37 -12.10 10.02
N ASN B 122 -3.48 -12.39 11.32
CA ASN B 122 -3.74 -13.76 11.77
C ASN B 122 -5.08 -14.27 11.23
N SER B 123 -6.11 -13.43 11.34
CA SER B 123 -7.40 -13.70 10.71
C SER B 123 -7.34 -13.95 9.19
N LEU B 124 -6.69 -13.04 8.49
CA LEU B 124 -6.59 -13.15 7.04
C LEU B 124 -5.90 -14.47 6.67
N CYS B 125 -4.90 -14.86 7.43
CA CYS B 125 -4.18 -16.09 7.20
C CYS B 125 -5.13 -17.28 7.25
N GLN B 126 -6.01 -17.29 8.26
CA GLN B 126 -6.98 -18.37 8.44
C GLN B 126 -7.97 -18.38 7.26
N GLN B 127 -8.34 -17.18 6.84
CA GLN B 127 -9.30 -17.03 5.75
C GLN B 127 -8.74 -17.55 4.44
N VAL B 128 -7.46 -17.27 4.17
CA VAL B 128 -6.72 -17.83 3.04
C VAL B 128 -6.71 -19.36 3.04
N THR B 129 -6.38 -19.94 4.20
CA THR B 129 -6.47 -21.38 4.41
C THR B 129 -7.89 -21.90 4.11
N ARG B 130 -8.93 -21.20 4.59
CA ARG B 130 -10.31 -21.56 4.29
C ARG B 130 -10.68 -21.52 2.81
N CYS B 131 -10.07 -20.58 2.07
CA CYS B 131 -10.28 -20.50 0.62
C CYS B 131 -9.73 -21.77 0.00
N HIS B 132 -8.50 -22.15 0.40
CA HIS B 132 -7.90 -23.35 -0.14
C HIS B 132 -8.70 -24.63 0.19
N SER B 133 -9.14 -24.74 1.44
CA SER B 133 -10.03 -25.84 1.88
C SER B 133 -11.30 -25.97 1.06
N ALA B 134 -11.99 -24.86 0.84
CA ALA B 134 -13.18 -24.83 -0.01
C ALA B 134 -12.88 -25.24 -1.46
N ASN B 135 -11.75 -24.74 -1.99
CA ASN B 135 -11.34 -25.08 -3.35
C ASN B 135 -11.00 -26.54 -3.51
N ARG B 136 -10.34 -27.13 -2.52
CA ARG B 136 -9.92 -28.53 -2.65
C ARG B 136 -11.10 -29.49 -2.66
N THR B 137 -12.21 -29.09 -2.02
CA THR B 137 -13.39 -29.96 -1.95
C THR B 137 -14.47 -29.52 -2.92
N ALA B 138 -14.20 -28.47 -3.70
CA ALA B 138 -15.19 -27.89 -4.62
C ALA B 138 -15.52 -28.80 -5.82
N LEU B 139 -16.76 -28.68 -6.34
CA LEU B 139 -17.15 -29.37 -7.58
C LEU B 139 -16.38 -28.87 -8.79
N HIS B 140 -16.11 -27.56 -8.82
CA HIS B 140 -15.25 -26.97 -9.84
C HIS B 140 -14.12 -26.17 -9.20
N PRO B 141 -13.00 -26.85 -8.85
CA PRO B 141 -11.88 -26.08 -8.35
C PRO B 141 -11.44 -25.05 -9.37
N VAL B 142 -11.01 -23.90 -8.86
CA VAL B 142 -10.46 -22.82 -9.65
C VAL B 142 -8.94 -22.85 -9.48
N GLU B 143 -8.24 -22.12 -10.34
CA GLU B 143 -6.85 -21.78 -10.09
C GLU B 143 -6.82 -20.53 -9.21
N LEU B 144 -6.32 -20.69 -7.99
CA LEU B 144 -6.22 -19.62 -7.02
C LEU B 144 -4.85 -18.99 -7.05
N PHE B 145 -4.80 -17.66 -7.23
CA PHE B 145 -3.55 -16.91 -7.16
C PHE B 145 -3.53 -16.04 -5.91
N ALA B 146 -2.33 -15.81 -5.38
CA ALA B 146 -2.15 -14.82 -4.30
C ALA B 146 -0.99 -13.93 -4.63
N THR B 147 -1.30 -12.69 -4.95
CA THR B 147 -0.33 -11.75 -5.50
C THR B 147 0.04 -10.72 -4.44
N ASN B 148 1.21 -10.12 -4.61
CA ASN B 148 1.91 -9.35 -3.57
C ASN B 148 2.04 -10.08 -2.24
N PHE B 149 2.15 -11.40 -2.33
CA PHE B 149 2.26 -12.25 -1.18
C PHE B 149 3.65 -12.11 -0.57
N GLY B 150 3.70 -11.88 0.74
CA GLY B 150 4.96 -11.66 1.46
C GLY B 150 4.61 -10.99 2.78
N GLY B 151 5.62 -10.34 3.37
CA GLY B 151 5.44 -9.62 4.62
C GLY B 151 4.91 -10.47 5.77
N ARG B 152 4.15 -9.84 6.65
CA ARG B 152 3.60 -10.54 7.78
C ARG B 152 2.63 -11.68 7.44
N LEU B 153 1.91 -11.58 6.30
CA LEU B 153 0.99 -12.67 5.92
C LEU B 153 1.74 -13.98 5.65
N LYS B 154 2.80 -13.90 4.86
CA LYS B 154 3.61 -15.06 4.51
C LYS B 154 4.33 -15.65 5.73
N THR B 155 4.87 -14.76 6.57
CA THR B 155 5.54 -15.20 7.81
C THR B 155 4.52 -15.93 8.68
N ARG B 156 3.33 -15.35 8.85
CA ARG B 156 2.30 -15.98 9.68
C ARG B 156 1.92 -17.35 9.14
N GLN B 157 1.73 -17.45 7.84
CA GLN B 157 1.35 -18.71 7.21
C GLN B 157 2.40 -19.79 7.42
N ASP B 158 3.67 -19.45 7.20
CA ASP B 158 4.75 -20.42 7.42
C ASP B 158 4.71 -20.95 8.85
N PHE B 159 4.53 -20.03 9.79
CA PHE B 159 4.49 -20.33 11.21
C PHE B 159 3.37 -21.31 11.62
N VAL B 160 2.17 -21.12 11.06
CA VAL B 160 1.01 -21.95 11.41
C VAL B 160 0.98 -23.26 10.60
N LEU B 161 1.57 -23.25 9.41
CA LEU B 161 1.43 -24.38 8.50
C LEU B 161 2.73 -25.13 8.23
N LYS B 162 3.86 -24.45 8.43
CA LYS B 162 5.19 -25.06 8.49
C LYS B 162 5.60 -25.77 7.20
N GLY B 163 5.22 -25.17 6.06
CA GLY B 163 5.49 -25.78 4.76
C GLY B 163 4.40 -26.71 4.23
N GLN B 164 3.26 -26.80 4.92
CA GLN B 164 2.06 -27.49 4.41
C GLN B 164 1.56 -26.81 3.13
N GLN B 165 1.70 -25.48 3.09
CA GLN B 165 1.16 -24.65 2.00
C GLN B 165 1.86 -24.90 0.69
N ASN B 166 3.10 -25.39 0.77
CA ASN B 166 3.86 -25.77 -0.42
C ASN B 166 3.31 -27.00 -1.13
N ASN B 167 2.49 -27.78 -0.41
CA ASN B 167 1.86 -28.99 -0.98
C ASN B 167 0.42 -28.75 -1.45
N TRP B 168 -0.02 -27.50 -1.39
CA TRP B 168 -1.38 -27.12 -1.79
C TRP B 168 -1.56 -27.13 -3.29
N LYS B 169 -2.64 -27.75 -3.73
CA LYS B 169 -2.96 -27.88 -5.14
C LYS B 169 -3.73 -26.67 -5.64
N ARG B 170 -3.43 -26.21 -6.85
CA ARG B 170 -4.12 -25.07 -7.49
C ARG B 170 -4.03 -23.80 -6.66
N TYR B 171 -2.84 -23.58 -6.10
CA TYR B 171 -2.58 -22.42 -5.29
C TYR B 171 -1.27 -21.81 -5.76
N ASN B 172 -1.35 -20.54 -6.14
CA ASN B 172 -0.26 -19.85 -6.82
C ASN B 172 0.13 -18.53 -6.17
N PRO B 173 0.87 -18.60 -5.04
CA PRO B 173 1.40 -17.38 -4.44
C PRO B 173 2.54 -16.82 -5.28
N THR B 174 2.62 -15.50 -5.34
CA THR B 174 3.71 -14.81 -6.02
C THR B 174 3.91 -13.45 -5.41
N THR B 175 5.17 -12.99 -5.39
CA THR B 175 5.50 -11.62 -4.97
C THR B 175 5.02 -10.63 -5.99
N LYS B 176 4.82 -11.07 -7.22
CA LYS B 176 4.35 -10.14 -8.25
C LYS B 176 2.91 -9.69 -7.96
N SER B 177 2.60 -8.44 -8.27
CA SER B 177 1.22 -7.91 -8.15
C SER B 177 0.33 -8.53 -9.24
N TYR B 178 -0.98 -8.47 -9.05
CA TYR B 178 -1.90 -9.01 -10.06
C TYR B 178 -1.70 -8.25 -11.36
N LEU B 179 -1.40 -6.96 -11.28
CA LEU B 179 -1.21 -6.16 -12.47
C LEU B 179 0.06 -6.58 -13.24
N GLU B 180 1.10 -6.97 -12.52
CA GLU B 180 2.32 -7.44 -13.16
C GLU B 180 2.08 -8.80 -13.78
N GLU B 181 1.40 -9.67 -13.04
CA GLU B 181 1.09 -10.99 -13.52
C GLU B 181 0.13 -10.95 -14.70
N PHE B 182 -0.88 -10.09 -14.62
CA PHE B 182 -2.01 -10.17 -15.59
C PHE B 182 -2.20 -8.97 -16.53
N GLU B 183 -1.24 -8.07 -16.54
CA GLU B 183 -1.33 -6.85 -17.35
C GLU B 183 -1.74 -7.09 -18.82
N SER B 184 -1.11 -8.09 -19.46
CA SER B 184 -1.44 -8.44 -20.84
C SER B 184 -2.88 -8.95 -21.05
N GLN B 185 -3.53 -9.39 -19.98
CA GLN B 185 -4.92 -9.83 -20.02
C GLN B 185 -5.75 -8.88 -19.16
N LYS B 186 -5.38 -7.61 -19.13
CA LYS B 186 -5.98 -6.63 -18.21
C LYS B 186 -7.50 -6.54 -18.38
N GLU B 187 -7.93 -6.63 -19.63
CA GLU B 187 -9.33 -6.60 -20.01
C GLU B 187 -10.19 -7.76 -19.44
N LYS B 188 -9.53 -8.81 -18.95
CA LYS B 188 -10.21 -9.96 -18.34
C LYS B 188 -10.38 -9.82 -16.84
N LEU B 189 -9.79 -8.78 -16.26
CA LEU B 189 -9.74 -8.62 -14.82
C LEU B 189 -11.04 -7.96 -14.34
N VAL B 190 -11.57 -8.48 -13.24
CA VAL B 190 -12.73 -7.89 -12.54
C VAL B 190 -12.43 -7.88 -11.06
N TYR B 191 -12.37 -6.68 -10.48
CA TYR B 191 -12.08 -6.58 -9.07
C TYR B 191 -13.38 -6.54 -8.29
N LEU B 192 -13.61 -7.54 -7.44
CA LEU B 192 -14.83 -7.56 -6.64
C LEU B 192 -14.74 -6.52 -5.56
N SER B 193 -15.77 -5.67 -5.48
CA SER B 193 -15.83 -4.68 -4.43
C SER B 193 -17.29 -4.39 -4.08
N ALA B 194 -17.61 -4.33 -2.79
CA ALA B 194 -18.96 -3.95 -2.34
C ALA B 194 -19.30 -2.55 -2.81
N ASP B 195 -18.28 -1.76 -3.14
CA ASP B 195 -18.45 -0.34 -3.45
C ASP B 195 -18.73 -0.02 -4.93
N SER B 196 -18.84 -1.06 -5.75
CA SER B 196 -18.92 -0.92 -7.20
C SER B 196 -20.28 -0.38 -7.64
N ASP B 197 -20.30 0.32 -8.77
CA ASP B 197 -21.58 0.69 -9.40
C ASP B 197 -22.20 -0.51 -10.12
N ASN B 198 -21.40 -1.55 -10.35
CA ASN B 198 -21.83 -2.71 -11.15
C ASN B 198 -22.16 -3.91 -10.29
N THR B 199 -23.19 -4.64 -10.69
CA THR B 199 -23.59 -5.84 -9.97
C THR B 199 -23.27 -7.05 -10.85
N ILE B 200 -22.58 -8.04 -10.27
CA ILE B 200 -22.31 -9.32 -10.94
C ILE B 200 -23.56 -10.16 -11.10
N THR B 201 -23.87 -10.58 -12.32
CA THR B 201 -24.93 -11.55 -12.51
C THR B 201 -24.49 -12.96 -12.88
N GLU B 202 -23.44 -13.06 -13.70
CA GLU B 202 -22.85 -14.34 -14.08
C GLU B 202 -21.34 -14.20 -13.97
N LEU B 203 -20.65 -15.32 -13.72
CA LEU B 203 -19.19 -15.37 -13.78
C LEU B 203 -18.76 -15.88 -15.14
N ASP B 204 -17.87 -15.13 -15.80
CA ASP B 204 -17.28 -15.54 -17.05
C ASP B 204 -16.05 -16.36 -16.72
N GLU B 205 -16.03 -17.60 -17.18
CA GLU B 205 -15.00 -18.53 -16.78
C GLU B 205 -13.70 -18.34 -17.53
N ASP B 206 -13.70 -17.38 -18.46
CA ASP B 206 -12.47 -16.91 -19.10
C ASP B 206 -11.98 -15.60 -18.46
N LYS B 207 -12.65 -15.17 -17.39
CA LYS B 207 -12.25 -13.95 -16.72
C LYS B 207 -11.48 -14.24 -15.42
N ILE B 208 -10.93 -13.18 -14.84
CA ILE B 208 -10.04 -13.26 -13.67
C ILE B 208 -10.56 -12.31 -12.60
N TYR B 209 -11.08 -12.88 -11.54
CA TYR B 209 -11.77 -12.10 -10.50
C TYR B 209 -10.87 -11.95 -9.27
N ILE B 210 -10.72 -10.71 -8.83
CA ILE B 210 -9.82 -10.38 -7.73
C ILE B 210 -10.61 -10.12 -6.44
N ILE B 211 -10.17 -10.76 -5.37
CA ILE B 211 -10.63 -10.43 -4.02
C ILE B 211 -9.53 -9.67 -3.26
N GLY B 212 -9.92 -8.56 -2.63
CA GLY B 212 -9.04 -7.79 -1.76
C GLY B 212 -8.68 -8.63 -0.54
N ALA B 213 -7.40 -8.92 -0.35
CA ALA B 213 -7.00 -9.77 0.76
C ALA B 213 -6.70 -8.85 1.93
N ILE B 214 -7.75 -8.46 2.63
CA ILE B 214 -7.64 -7.51 3.74
C ILE B 214 -8.79 -7.70 4.72
N VAL B 215 -8.45 -7.63 6.01
CA VAL B 215 -9.40 -7.76 7.10
C VAL B 215 -9.36 -6.39 7.76
N ASP B 216 -10.40 -5.61 7.52
CA ASP B 216 -10.38 -4.25 8.00
C ASP B 216 -11.72 -3.83 8.58
N LYS B 217 -12.64 -4.80 8.70
CA LYS B 217 -14.06 -4.52 9.03
C LYS B 217 -14.59 -3.31 8.29
N ASN B 218 -14.20 -3.20 7.01
CA ASN B 218 -14.60 -2.09 6.14
C ASN B 218 -14.23 -0.66 6.57
N ARG B 219 -13.29 -0.49 7.49
CA ARG B 219 -12.92 0.88 7.85
C ARG B 219 -12.31 1.66 6.69
N TYR B 220 -11.70 0.96 5.74
CA TYR B 220 -11.14 1.64 4.57
C TYR B 220 -12.15 1.62 3.42
N LYS B 221 -13.18 2.46 3.51
CA LYS B 221 -14.21 2.53 2.45
C LYS B 221 -13.60 2.83 1.10
N ASN B 222 -14.09 2.13 0.08
CA ASN B 222 -13.65 2.28 -1.30
C ASN B 222 -12.18 1.95 -1.54
N LEU B 223 -11.51 1.29 -0.61
CA LEU B 223 -10.09 0.95 -0.81
C LEU B 223 -9.86 0.19 -2.11
N CYS B 224 -10.52 -0.94 -2.28
CA CYS B 224 -10.36 -1.76 -3.50
C CYS B 224 -11.03 -1.15 -4.73
N GLN B 225 -12.15 -0.45 -4.51
CA GLN B 225 -12.88 0.17 -5.61
C GLN B 225 -12.06 1.27 -6.29
N ASN B 226 -11.39 2.10 -5.49
CA ASN B 226 -10.49 3.12 -5.99
C ASN B 226 -9.27 2.49 -6.65
N LYS B 227 -8.67 1.51 -5.97
CA LYS B 227 -7.48 0.85 -6.53
C LYS B 227 -7.74 0.39 -7.96
N ALA B 228 -8.82 -0.38 -8.12
CA ALA B 228 -9.14 -0.96 -9.43
C ALA B 228 -9.50 0.13 -10.47
N SER B 229 -10.34 1.08 -10.08
CA SER B 229 -10.77 2.15 -10.99
C SER B 229 -9.58 2.95 -11.53
N GLU B 230 -8.69 3.38 -10.63
CA GLU B 230 -7.50 4.12 -11.04
C GLU B 230 -6.57 3.33 -11.95
N GLN B 231 -6.64 2.01 -11.84
CA GLN B 231 -5.91 1.14 -12.77
C GLN B 231 -6.62 0.92 -14.10
N GLY B 232 -7.85 1.41 -14.23
CA GLY B 232 -8.67 1.16 -15.44
C GLY B 232 -9.16 -0.27 -15.50
N ILE B 233 -9.41 -0.85 -14.33
CA ILE B 233 -9.91 -2.21 -14.22
C ILE B 233 -11.37 -2.16 -13.74
N LYS B 234 -12.18 -3.02 -14.34
CA LYS B 234 -13.57 -3.13 -14.03
C LYS B 234 -13.78 -3.64 -12.60
N THR B 235 -14.69 -3.02 -11.86
CA THR B 235 -15.09 -3.58 -10.57
C THR B 235 -16.54 -4.11 -10.65
N ALA B 236 -16.97 -4.89 -9.65
CA ALA B 236 -18.36 -5.35 -9.56
C ALA B 236 -18.67 -5.87 -8.18
N LYS B 237 -19.92 -5.76 -7.75
CA LYS B 237 -20.33 -6.27 -6.44
C LYS B 237 -21.15 -7.53 -6.57
N LEU B 238 -21.16 -8.33 -5.51
CA LEU B 238 -21.99 -9.52 -5.48
C LEU B 238 -23.46 -9.09 -5.34
N PRO B 239 -24.38 -9.77 -6.04
CA PRO B 239 -25.82 -9.43 -5.92
C PRO B 239 -26.34 -9.95 -4.57
N ILE B 240 -25.86 -9.32 -3.50
CA ILE B 240 -26.01 -9.86 -2.14
C ILE B 240 -26.63 -8.83 -1.20
N ASP B 241 -26.85 -7.61 -1.71
CA ASP B 241 -27.42 -6.54 -0.91
C ASP B 241 -28.66 -6.98 -0.14
N GLU B 242 -29.60 -7.59 -0.87
CA GLU B 242 -30.90 -8.03 -0.31
C GLU B 242 -30.77 -9.05 0.82
N TYR B 243 -29.55 -9.45 1.16
CA TYR B 243 -29.32 -10.57 2.08
C TYR B 243 -28.56 -10.24 3.39
N ILE B 244 -27.79 -9.15 3.40
CA ILE B 244 -26.95 -8.76 4.55
C ILE B 244 -27.53 -9.19 5.90
N LYS B 250 -22.76 -6.57 7.66
CA LYS B 250 -21.75 -5.52 7.47
C LYS B 250 -21.11 -5.63 6.07
N ILE B 251 -20.07 -6.46 5.96
CA ILE B 251 -19.55 -6.94 4.66
C ILE B 251 -18.95 -8.33 4.79
N LEU B 252 -18.72 -8.95 3.64
CA LEU B 252 -18.26 -10.31 3.58
C LEU B 252 -16.76 -10.39 3.78
N THR B 253 -16.32 -11.48 4.41
CA THR B 253 -14.91 -11.79 4.55
C THR B 253 -14.34 -12.33 3.23
N VAL B 254 -13.02 -12.29 3.12
CA VAL B 254 -12.30 -12.91 2.02
C VAL B 254 -12.81 -14.32 1.73
N ASN B 255 -12.85 -15.20 2.74
CA ASN B 255 -13.26 -16.59 2.48
C ASN B 255 -14.75 -16.75 2.16
N GLN B 256 -15.58 -15.88 2.71
CA GLN B 256 -16.99 -15.91 2.36
C GLN B 256 -17.17 -15.57 0.89
N VAL B 257 -16.51 -14.50 0.45
CA VAL B 257 -16.60 -14.13 -0.96
C VAL B 257 -16.13 -15.29 -1.86
N PHE B 258 -14.97 -15.85 -1.55
CA PHE B 258 -14.44 -16.98 -2.34
C PHE B 258 -15.39 -18.22 -2.39
N GLU B 259 -15.86 -18.65 -1.23
CA GLU B 259 -16.79 -19.81 -1.12
C GLU B 259 -18.09 -19.57 -1.91
N ILE B 260 -18.58 -18.33 -1.89
CA ILE B 260 -19.79 -17.95 -2.63
C ILE B 260 -19.57 -18.09 -4.12
N LEU B 261 -18.45 -17.56 -4.61
CA LEU B 261 -18.04 -17.69 -6.00
C LEU B 261 -17.96 -19.15 -6.40
N SER B 262 -17.33 -19.95 -5.55
CA SER B 262 -17.12 -21.36 -5.80
C SER B 262 -18.45 -22.10 -5.91
N LEU B 263 -19.38 -21.79 -5.00
CA LEU B 263 -20.69 -22.43 -5.01
C LEU B 263 -21.57 -21.97 -6.18
N TRP B 264 -21.34 -20.76 -6.68
CA TRP B 264 -22.07 -20.34 -7.88
C TRP B 264 -21.67 -21.16 -9.10
N LEU B 265 -20.39 -21.54 -9.18
CA LEU B 265 -19.95 -22.39 -10.29
C LEU B 265 -20.73 -23.72 -10.28
N GLU B 266 -21.01 -24.23 -9.08
CA GLU B 266 -21.79 -25.45 -8.91
C GLU B 266 -23.29 -25.23 -9.15
N TYR B 267 -23.87 -24.19 -8.56
CA TYR B 267 -25.32 -23.99 -8.58
C TYR B 267 -25.83 -23.08 -9.68
N ARG B 268 -24.98 -22.12 -10.07
CA ARG B 268 -25.36 -21.01 -10.98
C ARG B 268 -26.57 -20.21 -10.44
N ASP B 269 -26.66 -20.14 -9.12
CA ASP B 269 -27.80 -19.56 -8.41
C ASP B 269 -27.17 -18.82 -7.25
N TRP B 270 -27.23 -17.49 -7.27
CA TRP B 270 -26.61 -16.70 -6.21
C TRP B 270 -27.29 -16.96 -4.88
N GLU B 271 -28.62 -16.82 -4.84
CA GLU B 271 -29.39 -17.12 -3.63
C GLU B 271 -28.94 -18.41 -2.96
N LYS B 272 -28.88 -19.51 -3.73
CA LYS B 272 -28.44 -20.81 -3.23
C LYS B 272 -27.00 -20.82 -2.67
N ALA B 273 -26.11 -20.04 -3.28
CA ALA B 273 -24.73 -19.96 -2.79
C ALA B 273 -24.63 -19.19 -1.48
N PHE B 274 -25.34 -18.07 -1.38
CA PHE B 274 -25.40 -17.25 -0.18
C PHE B 274 -25.89 -18.04 1.01
N MET B 275 -27.08 -18.64 0.83
CA MET B 275 -27.74 -19.42 1.87
C MET B 275 -26.81 -20.45 2.48
N GLU B 276 -26.05 -21.12 1.60
CA GLU B 276 -25.11 -22.14 2.04
C GLU B 276 -23.89 -21.58 2.77
N VAL B 277 -23.44 -20.39 2.37
CA VAL B 277 -22.25 -19.78 2.96
C VAL B 277 -22.56 -18.97 4.22
N ILE B 278 -23.69 -18.26 4.22
CA ILE B 278 -24.12 -17.49 5.40
C ILE B 278 -25.61 -17.67 5.71
N PRO B 279 -26.01 -18.80 6.31
CA PRO B 279 -27.45 -18.97 6.61
C PRO B 279 -27.91 -18.13 7.83
N SAH C . -0.97 7.25 7.64
CA SAH C . 0.23 7.65 6.91
CB SAH C . 0.09 9.17 6.66
CG SAH C . 1.38 9.86 6.83
SD SAH C . 1.70 11.55 6.48
C SAH C . 1.42 7.03 7.61
O SAH C . 2.52 7.49 7.70
OXT SAH C . 1.31 5.94 8.10
C5' SAH C . 3.04 11.44 5.38
C4' SAH C . 4.43 11.19 5.97
O4' SAH C . 4.90 12.27 6.71
C3' SAH C . 4.61 9.96 6.87
O3' SAH C . 4.76 8.78 6.15
C2' SAH C . 5.81 10.30 7.69
O2' SAH C . 6.95 9.93 6.98
C1' SAH C . 5.67 11.79 7.79
N9 SAH C . 5.15 12.25 9.08
C8 SAH C . 4.04 12.91 9.28
N7 SAH C . 3.87 13.25 10.54
C5 SAH C . 4.92 12.83 11.16
C6 SAH C . 5.41 12.84 12.55
N6 SAH C . 4.70 13.39 13.50
N1 SAH C . 6.56 12.29 12.80
C2 SAH C . 7.29 11.72 11.85
N3 SAH C . 6.91 11.65 10.59
C4 SAH C . 5.76 12.18 10.19
N SAH D . -12.47 -2.03 2.67
CA SAH D . -12.34 -3.28 1.84
CB SAH D . -13.29 -4.36 2.38
CG SAH D . -12.57 -5.71 2.57
SD SAH D . -13.65 -7.12 2.55
C SAH D . -12.56 -2.98 0.38
O SAH D . -12.96 -3.85 -0.38
OXT SAH D . -12.37 -1.87 -0.14
C5' SAH D . -12.60 -8.24 1.67
C4' SAH D . -12.87 -8.34 0.15
O4' SAH D . -14.02 -9.13 -0.16
C3' SAH D . -13.02 -7.05 -0.63
O3' SAH D . -11.75 -6.44 -0.93
C2' SAH D . -13.82 -7.49 -1.85
O2' SAH D . -12.96 -7.97 -2.91
C1' SAH D . -14.66 -8.64 -1.33
N9 SAH D . -16.05 -8.25 -1.01
C8 SAH D . -16.59 -8.03 0.20
N7 SAH D . -17.91 -7.70 0.09
C5 SAH D . -18.23 -7.73 -1.22
C6 SAH D . -19.44 -7.50 -2.05
N6 SAH D . -20.63 -7.15 -1.49
N1 SAH D . -19.31 -7.63 -3.38
C2 SAH D . -18.15 -7.96 -3.98
N3 SAH D . -17.03 -8.18 -3.29
C4 SAH D . -17.01 -8.08 -1.93
#